data_4XF5
#
_entry.id   4XF5
#
_cell.length_a   122.605
_cell.length_b   51.154
_cell.length_c   111.943
_cell.angle_alpha   90.000
_cell.angle_beta   115.960
_cell.angle_gamma   90.000
#
_symmetry.space_group_name_H-M   'C 1 2 1'
#
loop_
_entity.id
_entity.type
_entity.pdbx_description
1 polymer 'Twin-arginine translocation pathway signal'
2 non-polymer 'CHLORIDE ION'
3 non-polymer (2S)-2-aminopropan-1-ol
4 water water
#
_entity_poly.entity_id   1
_entity_poly.type   'polypeptide(L)'
_entity_poly.pdbx_seq_one_letter_code
;MHHHHHHSSGVDLGTENLYFQSMQSSSEPTIKWRMQTYAGAALAEHVAKPAIDLFNRIAGDRMQIELYSADQLVPTGELF
RAMQRGTIDAVQSDDDSMASPTEVTVFGGYFPFGCRYSLDVPVLFNQYGLKEIWEEEYAKVGVKHVSAGAWDPCHFATKE
PIRSLKDLEGKRVFTFPTAGRFLSRFGVVPVTLPWEDIEVALQTGELDGIAWSGITEDYTVGWANVTNYFLTNNISGAWI
GHFFVNMERWEELPEDLRLLFEVCCEQSHYHRQYWYWGGEARLRVHGDKLELTSIPDAEWDQVETAAQEFWDEIAAQSET
KAKVVEIFKQYNADMRKAGRPYRYVDA
;
_entity_poly.pdbx_strand_id   A,B
#
# COMPACT_ATOMS: atom_id res chain seq x y z
N PRO A 29 -14.46 30.05 -5.95
CA PRO A 29 -13.98 29.45 -7.18
C PRO A 29 -15.08 29.21 -8.19
N THR A 30 -14.69 28.86 -9.41
CA THR A 30 -15.66 28.63 -10.47
C THR A 30 -16.53 27.39 -10.20
N ILE A 31 -15.90 26.28 -9.84
CA ILE A 31 -16.63 25.07 -9.48
C ILE A 31 -16.64 24.86 -7.96
N LYS A 32 -17.83 24.62 -7.42
CA LYS A 32 -18.03 24.45 -5.98
C LYS A 32 -18.64 23.08 -5.68
N TRP A 33 -17.88 22.21 -5.00
CA TRP A 33 -18.42 20.92 -4.55
C TRP A 33 -18.55 20.86 -3.03
N ARG A 34 -19.58 20.14 -2.57
CA ARG A 34 -19.65 19.67 -1.20
C ARG A 34 -19.50 18.16 -1.23
N MET A 35 -18.56 17.64 -0.43
CA MET A 35 -18.42 16.22 -0.23
C MET A 35 -18.82 15.92 1.21
N GLN A 36 -19.54 14.82 1.41
CA GLN A 36 -19.81 14.33 2.76
C GLN A 36 -19.13 12.97 2.91
N THR A 37 -18.40 12.78 4.01
CA THR A 37 -17.77 11.50 4.31
C THR A 37 -18.57 10.75 5.39
N TYR A 38 -18.46 9.42 5.35
CA TYR A 38 -18.94 8.52 6.40
C TYR A 38 -18.22 8.80 7.73
N ALA A 39 -17.00 9.35 7.67
CA ALA A 39 -16.16 9.48 8.87
C ALA A 39 -16.63 10.62 9.77
N GLY A 40 -16.67 10.39 11.08
CA GLY A 40 -16.83 11.51 12.01
C GLY A 40 -15.71 12.52 11.91
N ALA A 41 -15.93 13.70 12.50
CA ALA A 41 -15.01 14.82 12.34
C ALA A 41 -13.57 14.48 12.71
N ALA A 42 -13.38 13.85 13.87
CA ALA A 42 -12.02 13.55 14.31
C ALA A 42 -11.37 12.49 13.43
N LEU A 43 -12.18 11.68 12.78
CA LEU A 43 -11.66 10.66 11.87
C LEU A 43 -11.36 11.26 10.50
N ALA A 44 -12.24 12.16 10.05
CA ALA A 44 -12.10 12.83 8.75
C ALA A 44 -10.78 13.56 8.64
N GLU A 45 -10.29 14.05 9.77
CA GLU A 45 -9.01 14.73 9.85
C GLU A 45 -7.89 13.91 9.27
N HIS A 46 -8.07 12.60 9.28
CA HIS A 46 -7.03 11.68 8.86
C HIS A 46 -7.33 10.90 7.58
N VAL A 47 -8.60 10.66 7.28
CA VAL A 47 -8.95 9.77 6.17
C VAL A 47 -9.46 10.47 4.91
N ALA A 48 -9.73 11.78 5.00
CA ALA A 48 -10.21 12.54 3.85
C ALA A 48 -9.66 13.95 3.78
N LYS A 49 -9.57 14.64 4.93
CA LYS A 49 -9.15 16.06 4.93
C LYS A 49 -7.81 16.33 4.27
N PRO A 50 -6.76 15.55 4.55
CA PRO A 50 -5.47 15.86 3.93
C PRO A 50 -5.55 15.96 2.40
N ALA A 51 -6.18 14.99 1.76
CA ALA A 51 -6.22 14.96 0.29
C ALA A 51 -7.13 16.05 -0.27
N ILE A 52 -8.24 16.33 0.41
CA ILE A 52 -9.12 17.38 -0.05
C ILE A 52 -8.44 18.75 0.13
N ASP A 53 -7.77 18.95 1.27
CA ASP A 53 -6.97 20.17 1.47
C ASP A 53 -5.92 20.34 0.38
N LEU A 54 -5.26 19.24 -0.02
CA LEU A 54 -4.25 19.32 -1.09
C LEU A 54 -4.90 19.67 -2.42
N PHE A 55 -5.98 18.97 -2.74
CA PHE A 55 -6.75 19.30 -3.94
C PHE A 55 -7.03 20.78 -4.02
N ASN A 56 -7.54 21.34 -2.93
CA ASN A 56 -7.93 22.74 -2.89
C ASN A 56 -6.74 23.68 -3.08
N ARG A 57 -5.60 23.33 -2.48
CA ARG A 57 -4.42 24.15 -2.66
C ARG A 57 -3.93 24.16 -4.10
N ILE A 58 -4.04 23.02 -4.79
CA ILE A 58 -3.56 22.92 -6.17
C ILE A 58 -4.56 23.56 -7.14
N ALA A 59 -5.84 23.32 -6.92
CA ALA A 59 -6.85 23.84 -7.85
C ALA A 59 -7.10 25.34 -7.66
N GLY A 60 -6.96 25.85 -6.46
CA GLY A 60 -7.22 27.25 -6.20
C GLY A 60 -8.60 27.71 -6.70
N ASP A 61 -8.64 28.87 -7.35
CA ASP A 61 -9.89 29.50 -7.69
C ASP A 61 -10.64 28.76 -8.79
N ARG A 62 -10.03 27.71 -9.34
CA ARG A 62 -10.70 26.93 -10.37
C ARG A 62 -11.81 26.04 -9.79
N MET A 63 -11.59 25.52 -8.58
CA MET A 63 -12.51 24.58 -7.98
C MET A 63 -12.14 24.39 -6.52
N GLN A 64 -13.16 24.35 -5.65
CA GLN A 64 -12.95 23.97 -4.25
C GLN A 64 -13.93 22.92 -3.82
N ILE A 65 -13.47 21.98 -3.01
CA ILE A 65 -14.32 20.97 -2.41
C ILE A 65 -14.45 21.19 -0.91
N GLU A 66 -15.68 21.47 -0.42
CA GLU A 66 -15.89 21.60 1.01
C GLU A 66 -16.25 20.25 1.58
N LEU A 67 -15.50 19.81 2.59
CA LEU A 67 -15.69 18.49 3.19
C LEU A 67 -16.52 18.55 4.46
N TYR A 68 -17.60 17.77 4.46
CA TYR A 68 -18.49 17.62 5.60
C TYR A 68 -18.37 16.22 6.15
N SER A 69 -18.47 16.10 7.48
CA SER A 69 -18.25 14.82 8.15
C SER A 69 -19.58 14.09 8.43
N ALA A 70 -19.52 13.02 9.24
CA ALA A 70 -20.62 12.09 9.37
C ALA A 70 -21.96 12.76 9.65
N ASP A 71 -22.95 12.47 8.81
CA ASP A 71 -24.32 12.93 9.04
C ASP A 71 -24.50 14.46 9.10
N GLN A 72 -23.56 15.25 8.61
CA GLN A 72 -23.70 16.72 8.74
C GLN A 72 -24.75 17.35 7.81
N LEU A 73 -24.62 17.13 6.51
CA LEU A 73 -25.54 17.74 5.55
C LEU A 73 -26.84 16.95 5.45
N VAL A 74 -26.73 15.62 5.39
CA VAL A 74 -27.89 14.74 5.46
C VAL A 74 -27.52 13.53 6.30
N PRO A 75 -28.52 12.89 6.92
CA PRO A 75 -28.23 11.68 7.68
C PRO A 75 -27.70 10.54 6.78
N THR A 76 -27.06 9.56 7.40
CA THR A 76 -26.50 8.44 6.65
C THR A 76 -27.54 7.75 5.78
N GLY A 77 -28.76 7.61 6.30
CA GLY A 77 -29.82 6.95 5.57
C GLY A 77 -30.20 7.63 4.28
N GLU A 78 -29.86 8.91 4.16
CA GLU A 78 -30.19 9.70 2.98
C GLU A 78 -28.98 10.02 2.07
N LEU A 79 -27.80 9.56 2.46
CA LEU A 79 -26.54 9.92 1.81
C LEU A 79 -26.49 9.56 0.32
N PHE A 80 -26.81 8.32 -0.02
CA PHE A 80 -26.73 7.92 -1.40
C PHE A 80 -27.66 8.74 -2.26
N ARG A 81 -28.90 8.89 -1.82
CA ARG A 81 -29.90 9.57 -2.62
C ARG A 81 -29.58 11.05 -2.77
N ALA A 82 -29.04 11.68 -1.73
CA ALA A 82 -28.63 13.07 -1.79
C ALA A 82 -27.56 13.30 -2.86
N MET A 83 -26.62 12.35 -2.98
CA MET A 83 -25.65 12.41 -4.05
C MET A 83 -26.28 12.14 -5.42
N GLN A 84 -27.14 11.13 -5.49
CA GLN A 84 -27.78 10.79 -6.75
C GLN A 84 -28.52 11.99 -7.34
N ARG A 85 -29.27 12.68 -6.49
CA ARG A 85 -30.08 13.81 -6.96
C ARG A 85 -29.31 15.14 -7.03
N GLY A 86 -28.09 15.18 -6.50
CA GLY A 86 -27.22 16.33 -6.68
C GLY A 86 -27.21 17.34 -5.53
N THR A 87 -27.92 17.03 -4.45
CA THR A 87 -27.83 17.83 -3.23
C THR A 87 -26.40 17.88 -2.71
N ILE A 88 -25.72 16.73 -2.79
CA ILE A 88 -24.33 16.57 -2.40
C ILE A 88 -23.60 16.12 -3.65
N ASP A 89 -22.42 16.69 -3.90
CA ASP A 89 -21.72 16.45 -5.15
C ASP A 89 -20.91 15.15 -5.12
N ALA A 90 -20.39 14.84 -3.94
CA ALA A 90 -19.42 13.76 -3.81
C ALA A 90 -19.54 13.13 -2.43
N VAL A 91 -19.23 11.84 -2.38
CA VAL A 91 -19.32 11.08 -1.14
C VAL A 91 -18.09 10.21 -0.95
N GLN A 92 -17.61 10.13 0.28
CA GLN A 92 -16.60 9.14 0.65
C GLN A 92 -17.28 8.17 1.59
N SER A 93 -17.43 6.92 1.18
CA SER A 93 -18.18 5.96 1.99
C SER A 93 -17.99 4.54 1.50
N ASP A 94 -18.28 3.58 2.36
CA ASP A 94 -18.46 2.20 1.92
C ASP A 94 -19.89 2.09 1.35
N ASP A 95 -20.14 0.98 0.64
CA ASP A 95 -21.46 0.70 0.05
C ASP A 95 -22.47 0.29 1.10
N ASP A 96 -22.01 -0.43 2.10
CA ASP A 96 -22.87 -1.13 3.04
C ASP A 96 -23.64 -0.20 3.98
N SER A 97 -22.93 0.68 4.70
CA SER A 97 -23.62 1.59 5.62
C SER A 97 -24.58 2.58 4.91
N MET A 98 -24.23 2.93 3.67
CA MET A 98 -25.01 3.80 2.81
C MET A 98 -26.23 3.09 2.22
N ALA A 99 -26.22 1.76 2.25
CA ALA A 99 -27.29 0.94 1.65
C ALA A 99 -27.54 1.35 0.21
N SER A 100 -26.48 1.45 -0.58
N SER A 100 -26.47 1.38 -0.58
CA SER A 100 -26.69 1.83 -1.97
CA SER A 100 -26.60 1.71 -2.00
C SER A 100 -27.49 0.76 -2.72
C SER A 100 -27.49 0.70 -2.74
N PRO A 101 -28.36 1.20 -3.64
CA PRO A 101 -29.24 0.29 -4.41
C PRO A 101 -28.48 -0.39 -5.55
N THR A 102 -27.53 -1.26 -5.18
CA THR A 102 -26.71 -1.98 -6.16
C THR A 102 -26.55 -3.42 -5.69
N GLU A 103 -26.00 -4.25 -6.57
CA GLU A 103 -25.74 -5.65 -6.24
C GLU A 103 -24.44 -5.86 -5.46
N VAL A 104 -23.67 -4.79 -5.25
CA VAL A 104 -22.36 -4.95 -4.63
C VAL A 104 -22.31 -4.35 -3.22
N THR A 105 -23.44 -3.89 -2.71
N THR A 105 -23.45 -3.88 -2.74
CA THR A 105 -23.45 -3.24 -1.39
CA THR A 105 -23.53 -3.23 -1.43
C THR A 105 -22.87 -4.11 -0.30
C THR A 105 -23.00 -4.07 -0.28
N VAL A 106 -23.27 -5.37 -0.31
CA VAL A 106 -22.84 -6.28 0.76
C VAL A 106 -21.33 -6.60 0.80
N PHE A 107 -20.56 -6.18 -0.22
CA PHE A 107 -19.14 -6.45 -0.28
C PHE A 107 -18.37 -5.26 0.25
N GLY A 108 -19.04 -4.10 0.32
CA GLY A 108 -18.41 -2.93 0.90
C GLY A 108 -18.34 -3.04 2.40
N GLY A 109 -17.56 -2.17 3.04
CA GLY A 109 -17.44 -2.26 4.49
C GLY A 109 -16.58 -3.45 4.86
N TYR A 110 -17.05 -4.29 5.78
CA TYR A 110 -16.32 -5.48 6.22
C TYR A 110 -16.93 -6.80 5.76
N PHE A 111 -16.60 -7.21 4.55
CA PHE A 111 -17.06 -8.48 4.00
C PHE A 111 -16.29 -9.56 4.73
N PRO A 112 -16.97 -10.38 5.52
CA PRO A 112 -16.24 -11.21 6.49
C PRO A 112 -15.13 -12.07 5.87
N PHE A 113 -13.89 -11.87 6.33
CA PHE A 113 -12.74 -12.66 5.93
C PHE A 113 -12.42 -12.57 4.44
N GLY A 114 -12.85 -11.48 3.80
CA GLY A 114 -12.63 -11.32 2.37
C GLY A 114 -11.18 -11.00 2.04
N CYS A 115 -10.60 -10.08 2.80
CA CYS A 115 -9.26 -9.54 2.53
C CYS A 115 -8.39 -9.64 3.75
N ARG A 116 -7.39 -10.50 3.70
CA ARG A 116 -6.40 -10.60 4.77
C ARG A 116 -5.53 -9.32 4.90
N TYR A 117 -5.25 -8.68 3.77
CA TYR A 117 -4.33 -7.55 3.71
C TYR A 117 -4.96 -6.36 3.00
N SER A 118 -4.65 -5.18 3.50
CA SER A 118 -5.09 -3.95 2.87
C SER A 118 -4.78 -3.87 1.35
N LEU A 119 -3.62 -4.35 0.90
CA LEU A 119 -3.29 -4.19 -0.52
C LEU A 119 -4.14 -5.12 -1.39
N ASP A 120 -4.81 -6.08 -0.77
CA ASP A 120 -5.75 -6.92 -1.51
C ASP A 120 -6.85 -6.07 -2.18
N VAL A 121 -7.22 -4.94 -1.58
CA VAL A 121 -8.34 -4.16 -2.10
C VAL A 121 -8.01 -3.53 -3.48
N PRO A 122 -6.93 -2.72 -3.59
CA PRO A 122 -6.61 -2.17 -4.92
C PRO A 122 -6.23 -3.28 -5.90
N VAL A 123 -5.72 -4.40 -5.45
CA VAL A 123 -5.39 -5.48 -6.37
C VAL A 123 -6.69 -6.09 -6.91
N LEU A 124 -7.66 -6.39 -6.04
CA LEU A 124 -8.93 -6.94 -6.50
C LEU A 124 -9.63 -6.01 -7.50
N PHE A 125 -9.62 -4.71 -7.20
CA PHE A 125 -10.28 -3.76 -8.06
C PHE A 125 -9.56 -3.53 -9.38
N ASN A 126 -8.24 -3.32 -9.34
CA ASN A 126 -7.49 -3.05 -10.58
C ASN A 126 -7.09 -4.26 -11.41
N GLN A 127 -7.03 -5.44 -10.80
CA GLN A 127 -6.49 -6.62 -11.48
C GLN A 127 -7.42 -7.83 -11.52
N TYR A 128 -8.49 -7.84 -10.71
CA TYR A 128 -9.41 -8.99 -10.73
C TYR A 128 -10.85 -8.58 -11.09
N GLY A 129 -11.02 -7.37 -11.64
CA GLY A 129 -12.25 -6.98 -12.29
C GLY A 129 -13.29 -6.31 -11.42
N LEU A 130 -12.98 -6.04 -10.15
CA LEU A 130 -14.03 -5.41 -9.34
C LEU A 130 -14.29 -3.97 -9.74
N LYS A 131 -13.29 -3.28 -10.27
CA LYS A 131 -13.51 -1.89 -10.68
C LYS A 131 -14.59 -1.75 -11.73
N GLU A 132 -14.56 -2.64 -12.73
CA GLU A 132 -15.52 -2.58 -13.82
C GLU A 132 -16.91 -2.94 -13.32
N ILE A 133 -17.02 -3.90 -12.41
CA ILE A 133 -18.33 -4.23 -11.82
C ILE A 133 -18.90 -3.04 -11.04
N TRP A 134 -18.08 -2.41 -10.21
CA TRP A 134 -18.56 -1.28 -9.41
C TRP A 134 -18.92 -0.10 -10.31
N GLU A 135 -18.10 0.17 -11.33
CA GLU A 135 -18.42 1.27 -12.24
C GLU A 135 -19.79 1.08 -12.84
N GLU A 136 -20.02 -0.11 -13.36
CA GLU A 136 -21.28 -0.44 -14.01
C GLU A 136 -22.49 -0.37 -13.08
N GLU A 137 -22.34 -0.93 -11.87
CA GLU A 137 -23.42 -0.96 -10.91
C GLU A 137 -23.81 0.45 -10.52
N TYR A 138 -22.82 1.30 -10.30
CA TYR A 138 -23.11 2.65 -9.85
C TYR A 138 -23.59 3.57 -10.98
N ALA A 139 -23.08 3.35 -12.19
CA ALA A 139 -23.53 4.14 -13.33
C ALA A 139 -25.01 3.93 -13.57
N LYS A 140 -25.50 2.71 -13.33
CA LYS A 140 -26.93 2.44 -13.54
C LYS A 140 -27.82 3.33 -12.68
N VAL A 141 -27.28 3.78 -11.55
CA VAL A 141 -28.01 4.61 -10.62
C VAL A 141 -27.48 6.06 -10.55
N GLY A 142 -26.84 6.48 -11.63
CA GLY A 142 -26.45 7.89 -11.81
C GLY A 142 -25.30 8.35 -10.96
N VAL A 143 -24.38 7.45 -10.61
CA VAL A 143 -23.24 7.79 -9.76
C VAL A 143 -21.96 7.28 -10.39
N LYS A 144 -20.94 8.13 -10.39
CA LYS A 144 -19.60 7.75 -10.82
C LYS A 144 -18.82 7.14 -9.67
N HIS A 145 -18.42 5.88 -9.83
CA HIS A 145 -17.42 5.28 -8.93
C HIS A 145 -16.04 5.77 -9.38
N VAL A 146 -15.40 6.57 -8.56
CA VAL A 146 -14.07 7.09 -8.87
C VAL A 146 -12.99 6.08 -8.51
N SER A 147 -12.89 5.71 -7.23
CA SER A 147 -11.90 4.69 -6.85
C SER A 147 -12.26 4.06 -5.52
N ALA A 148 -11.88 2.80 -5.41
CA ALA A 148 -12.00 2.03 -4.17
C ALA A 148 -10.67 2.10 -3.43
N GLY A 149 -10.72 1.95 -2.11
CA GLY A 149 -9.50 1.83 -1.31
C GLY A 149 -9.75 1.02 -0.04
N ALA A 150 -8.65 0.59 0.57
CA ALA A 150 -8.68 -0.09 1.84
C ALA A 150 -8.64 0.92 2.97
N TRP A 151 -9.29 0.57 4.08
CA TRP A 151 -9.02 1.21 5.36
C TRP A 151 -8.43 0.13 6.31
N ASP A 152 -9.03 -0.06 7.49
CA ASP A 152 -8.44 -0.82 8.59
C ASP A 152 -9.09 -2.18 8.74
N PRO A 153 -8.50 -3.06 9.56
CA PRO A 153 -9.14 -4.33 9.93
C PRO A 153 -10.28 -4.09 10.93
N CYS A 154 -11.15 -5.07 11.05
CA CYS A 154 -12.29 -4.98 11.95
C CYS A 154 -12.06 -5.79 13.21
N HIS A 155 -11.96 -5.11 14.34
CA HIS A 155 -11.75 -5.75 15.64
C HIS A 155 -12.80 -5.29 16.66
N PHE A 156 -13.16 -6.18 17.59
CA PHE A 156 -13.97 -5.79 18.73
C PHE A 156 -13.15 -4.99 19.76
N ALA A 157 -13.70 -3.84 20.16
CA ALA A 157 -13.23 -3.13 21.35
C ALA A 157 -14.42 -2.97 22.29
N THR A 158 -14.25 -3.38 23.55
CA THR A 158 -15.36 -3.58 24.44
C THR A 158 -15.04 -3.19 25.89
N LYS A 159 -16.09 -2.93 26.66
CA LYS A 159 -15.96 -2.65 28.09
C LYS A 159 -15.50 -3.88 28.87
N GLU A 160 -15.96 -5.08 28.47
CA GLU A 160 -15.61 -6.34 29.13
C GLU A 160 -14.79 -7.23 28.20
N PRO A 161 -13.93 -8.06 28.78
CA PRO A 161 -12.99 -8.85 27.96
C PRO A 161 -13.67 -9.98 27.18
N ILE A 162 -13.27 -10.16 25.93
CA ILE A 162 -13.76 -11.27 25.12
C ILE A 162 -12.64 -12.26 25.01
N ARG A 163 -12.82 -13.43 25.60
CA ARG A 163 -11.78 -14.45 25.53
C ARG A 163 -12.32 -15.76 24.98
N SER A 164 -13.60 -15.78 24.62
CA SER A 164 -14.21 -16.98 24.05
C SER A 164 -15.37 -16.58 23.15
N LEU A 165 -15.78 -17.47 22.24
CA LEU A 165 -16.96 -17.18 21.43
C LEU A 165 -18.21 -16.91 22.27
N LYS A 166 -18.34 -17.57 23.41
CA LYS A 166 -19.53 -17.38 24.24
C LYS A 166 -19.60 -15.95 24.77
N ASP A 167 -18.44 -15.32 24.93
CA ASP A 167 -18.36 -13.95 25.45
C ASP A 167 -18.94 -12.95 24.50
N LEU A 168 -19.10 -13.34 23.24
CA LEU A 168 -19.74 -12.49 22.22
C LEU A 168 -21.27 -12.41 22.36
N GLU A 169 -21.87 -13.46 22.92
CA GLU A 169 -23.32 -13.56 22.99
C GLU A 169 -23.91 -12.41 23.78
N GLY A 170 -24.87 -11.72 23.19
CA GLY A 170 -25.59 -10.64 23.85
C GLY A 170 -24.88 -9.31 23.84
N LYS A 171 -23.66 -9.29 23.32
CA LYS A 171 -22.89 -8.04 23.19
C LYS A 171 -23.54 -7.11 22.17
N ARG A 172 -24.00 -5.95 22.65
CA ARG A 172 -24.55 -4.91 21.79
C ARG A 172 -23.40 -4.09 21.23
N VAL A 173 -23.16 -4.19 19.92
CA VAL A 173 -22.01 -3.50 19.36
C VAL A 173 -22.35 -2.75 18.08
N PHE A 174 -21.68 -1.61 17.90
CA PHE A 174 -21.77 -0.82 16.69
C PHE A 174 -20.85 -1.41 15.61
N THR A 175 -21.46 -1.80 14.48
CA THR A 175 -20.77 -2.43 13.37
C THR A 175 -21.41 -2.02 12.03
N PHE A 176 -21.02 -2.70 10.96
CA PHE A 176 -21.58 -2.47 9.63
C PHE A 176 -22.72 -3.45 9.39
N PRO A 177 -23.64 -3.09 8.48
CA PRO A 177 -24.85 -3.90 8.27
C PRO A 177 -24.56 -5.35 7.92
N THR A 178 -23.67 -5.59 6.95
CA THR A 178 -23.42 -6.94 6.50
C THR A 178 -22.60 -7.73 7.53
N ALA A 179 -21.51 -7.14 8.02
CA ALA A 179 -20.75 -7.78 9.08
C ALA A 179 -21.64 -8.09 10.29
N GLY A 180 -22.58 -7.20 10.60
CA GLY A 180 -23.47 -7.40 11.73
C GLY A 180 -24.41 -8.57 11.53
N ARG A 181 -24.93 -8.74 10.32
CA ARG A 181 -25.78 -9.89 10.02
C ARG A 181 -24.98 -11.17 10.21
N PHE A 182 -23.71 -11.14 9.82
CA PHE A 182 -22.83 -12.27 10.00
C PHE A 182 -22.62 -12.54 11.49
N LEU A 183 -22.22 -11.51 12.23
CA LEU A 183 -21.94 -11.67 13.66
C LEU A 183 -23.19 -12.07 14.47
N SER A 184 -24.38 -11.80 13.95
CA SER A 184 -25.64 -12.09 14.64
C SER A 184 -25.73 -13.58 14.92
N ARG A 185 -25.10 -14.38 14.04
CA ARG A 185 -25.13 -15.82 14.16
C ARG A 185 -24.38 -16.30 15.42
N PHE A 186 -23.53 -15.43 15.96
CA PHE A 186 -22.80 -15.72 17.20
C PHE A 186 -23.37 -14.97 18.40
N GLY A 187 -24.59 -14.46 18.25
CA GLY A 187 -25.27 -13.80 19.34
C GLY A 187 -25.01 -12.33 19.53
N VAL A 188 -24.13 -11.77 18.69
CA VAL A 188 -23.89 -10.34 18.74
C VAL A 188 -25.18 -9.63 18.35
N VAL A 189 -25.45 -8.51 19.00
CA VAL A 189 -26.60 -7.68 18.63
C VAL A 189 -26.05 -6.43 17.97
N PRO A 190 -26.21 -6.31 16.65
CA PRO A 190 -25.79 -5.10 15.95
C PRO A 190 -26.67 -3.92 16.27
N VAL A 191 -26.07 -2.84 16.76
CA VAL A 191 -26.78 -1.60 17.04
C VAL A 191 -26.24 -0.47 16.15
N THR A 192 -27.14 0.29 15.54
CA THR A 192 -26.76 1.41 14.69
C THR A 192 -27.07 2.73 15.33
N LEU A 193 -26.06 3.58 15.40
CA LEU A 193 -26.13 4.93 15.94
C LEU A 193 -25.26 5.84 15.08
N PRO A 194 -25.50 7.15 15.10
CA PRO A 194 -24.59 8.08 14.43
C PRO A 194 -23.21 8.05 15.05
N TRP A 195 -22.18 8.14 14.20
CA TRP A 195 -20.79 8.07 14.63
C TRP A 195 -20.46 9.03 15.78
N GLU A 196 -20.98 10.26 15.71
CA GLU A 196 -20.63 11.29 16.70
C GLU A 196 -21.16 10.95 18.09
N ASP A 197 -22.13 10.05 18.12
CA ASP A 197 -22.80 9.63 19.36
C ASP A 197 -22.20 8.38 20.02
N ILE A 198 -21.25 7.74 19.35
CA ILE A 198 -20.74 6.45 19.82
C ILE A 198 -19.95 6.59 21.12
N GLU A 199 -19.14 7.64 21.24
CA GLU A 199 -18.32 7.84 22.44
C GLU A 199 -19.19 7.89 23.70
N VAL A 200 -20.20 8.74 23.69
CA VAL A 200 -21.06 8.84 24.85
C VAL A 200 -21.85 7.54 25.04
N ALA A 201 -22.27 6.91 23.95
CA ALA A 201 -23.03 5.66 24.05
C ALA A 201 -22.19 4.56 24.72
N LEU A 202 -20.89 4.61 24.52
CA LEU A 202 -20.01 3.66 25.19
C LEU A 202 -19.91 4.04 26.68
N GLN A 203 -19.75 5.33 26.96
CA GLN A 203 -19.64 5.78 28.35
C GLN A 203 -20.84 5.40 29.20
N THR A 204 -22.04 5.51 28.62
CA THR A 204 -23.29 5.26 29.34
C THR A 204 -23.70 3.79 29.39
N GLY A 205 -23.10 2.96 28.54
CA GLY A 205 -23.49 1.56 28.45
C GLY A 205 -24.57 1.27 27.41
N GLU A 206 -24.98 2.28 26.66
CA GLU A 206 -25.94 2.03 25.58
C GLU A 206 -25.31 1.04 24.59
N LEU A 207 -23.98 1.08 24.47
CA LEU A 207 -23.22 0.09 23.70
C LEU A 207 -22.31 -0.69 24.66
N ASP A 208 -22.18 -2.00 24.42
CA ASP A 208 -21.17 -2.81 25.09
C ASP A 208 -19.84 -2.67 24.41
N GLY A 209 -19.85 -2.35 23.12
CA GLY A 209 -18.59 -2.18 22.40
C GLY A 209 -18.76 -1.75 20.96
N ILE A 210 -17.64 -1.80 20.24
CA ILE A 210 -17.61 -1.49 18.80
C ILE A 210 -16.95 -2.61 18.05
N ALA A 211 -17.44 -2.86 16.84
CA ALA A 211 -16.74 -3.70 15.86
C ALA A 211 -16.81 -2.98 14.51
N TRP A 212 -16.23 -1.79 14.50
CA TRP A 212 -16.40 -0.82 13.44
C TRP A 212 -15.06 -0.37 12.87
N SER A 213 -13.98 -0.86 13.46
CA SER A 213 -12.68 -0.27 13.24
C SER A 213 -11.57 -1.13 13.83
N GLY A 214 -10.34 -0.72 13.55
CA GLY A 214 -9.17 -1.27 14.21
C GLY A 214 -8.71 -0.37 15.34
N ILE A 215 -7.44 -0.56 15.72
CA ILE A 215 -6.89 0.09 16.91
C ILE A 215 -6.44 1.52 16.64
N THR A 216 -5.96 1.78 15.43
CA THR A 216 -5.56 3.13 15.05
C THR A 216 -6.71 4.11 15.22
N GLU A 217 -7.88 3.76 14.72
CA GLU A 217 -9.04 4.63 14.87
C GLU A 217 -9.47 4.70 16.33
N ASP A 218 -9.48 3.56 17.02
CA ASP A 218 -9.89 3.56 18.41
C ASP A 218 -9.11 4.63 19.21
N TYR A 219 -7.79 4.64 19.05
CA TYR A 219 -6.97 5.61 19.78
C TYR A 219 -7.15 7.05 19.26
N THR A 220 -7.17 7.21 17.94
CA THR A 220 -7.21 8.53 17.34
C THR A 220 -8.48 9.29 17.71
N VAL A 221 -9.61 8.60 17.66
CA VAL A 221 -10.91 9.29 17.80
C VAL A 221 -11.45 9.33 19.21
N GLY A 222 -10.78 8.66 20.15
CA GLY A 222 -11.14 8.77 21.55
C GLY A 222 -11.92 7.58 22.09
N TRP A 223 -12.23 6.63 21.22
CA TRP A 223 -12.99 5.46 21.65
C TRP A 223 -12.21 4.62 22.64
N ALA A 224 -10.87 4.63 22.53
CA ALA A 224 -10.04 3.86 23.45
C ALA A 224 -10.18 4.37 24.88
N ASN A 225 -10.55 5.63 25.03
CA ASN A 225 -10.73 6.26 26.35
C ASN A 225 -11.97 5.76 27.06
N VAL A 226 -12.91 5.17 26.31
CA VAL A 226 -14.19 4.76 26.91
C VAL A 226 -14.49 3.27 26.69
N THR A 227 -13.47 2.52 26.29
CA THR A 227 -13.51 1.05 26.23
C THR A 227 -12.22 0.48 26.84
N ASN A 228 -12.22 -0.82 27.13
CA ASN A 228 -11.16 -1.39 27.97
C ASN A 228 -10.36 -2.50 27.28
N TYR A 229 -10.98 -3.25 26.38
CA TYR A 229 -10.37 -4.44 25.80
C TYR A 229 -10.43 -4.46 24.27
N PHE A 230 -9.37 -5.00 23.67
CA PHE A 230 -9.24 -5.15 22.23
C PHE A 230 -8.97 -6.62 21.90
N LEU A 231 -9.90 -7.23 21.15
CA LEU A 231 -9.78 -8.61 20.71
C LEU A 231 -8.89 -8.74 19.45
N THR A 232 -7.85 -9.57 19.50
CA THR A 232 -6.86 -9.65 18.41
C THR A 232 -7.36 -10.39 17.16
N ASN A 233 -8.34 -11.27 17.30
CA ASN A 233 -8.89 -11.97 16.14
C ASN A 233 -9.83 -11.04 15.36
N ASN A 234 -9.43 -10.64 14.16
CA ASN A 234 -10.28 -9.80 13.34
C ASN A 234 -11.29 -10.64 12.53
N ILE A 235 -12.32 -9.97 12.03
CA ILE A 235 -13.28 -10.59 11.09
C ILE A 235 -13.12 -10.07 9.65
N SER A 236 -12.11 -9.21 9.44
CA SER A 236 -11.76 -8.67 8.13
C SER A 236 -10.44 -7.97 8.28
N GLY A 237 -9.56 -8.15 7.33
CA GLY A 237 -8.27 -7.49 7.35
C GLY A 237 -8.29 -6.08 6.75
N ALA A 238 -9.36 -5.68 6.10
CA ALA A 238 -9.40 -4.41 5.38
C ALA A 238 -10.79 -4.00 4.99
N TRP A 239 -11.25 -2.89 5.56
CA TRP A 239 -12.51 -2.27 5.14
C TRP A 239 -12.40 -1.78 3.69
N ILE A 240 -13.49 -1.90 2.92
CA ILE A 240 -13.55 -1.36 1.58
C ILE A 240 -14.47 -0.13 1.56
N GLY A 241 -13.91 0.97 1.11
CA GLY A 241 -14.61 2.23 0.89
C GLY A 241 -14.25 2.83 -0.46
N HIS A 242 -14.92 3.92 -0.83
CA HIS A 242 -14.77 4.54 -2.14
C HIS A 242 -14.98 6.05 -2.09
N PHE A 243 -14.50 6.68 -3.14
CA PHE A 243 -14.97 8.01 -3.50
C PHE A 243 -15.96 7.86 -4.64
N PHE A 244 -17.09 8.56 -4.49
CA PHE A 244 -18.16 8.61 -5.48
C PHE A 244 -18.45 10.06 -5.86
N VAL A 245 -18.89 10.30 -7.09
CA VAL A 245 -19.39 11.61 -7.51
C VAL A 245 -20.71 11.49 -8.25
N ASN A 246 -21.61 12.45 -8.04
CA ASN A 246 -22.82 12.53 -8.84
C ASN A 246 -22.41 12.55 -10.32
N MET A 247 -23.03 11.72 -11.15
CA MET A 247 -22.56 11.53 -12.51
C MET A 247 -22.60 12.83 -13.34
N GLU A 248 -23.66 13.63 -13.18
CA GLU A 248 -23.74 14.90 -13.89
C GLU A 248 -22.60 15.85 -13.51
N ARG A 249 -22.30 15.97 -12.22
CA ARG A 249 -21.16 16.80 -11.81
C ARG A 249 -19.85 16.28 -12.38
N TRP A 250 -19.72 14.97 -12.45
CA TRP A 250 -18.51 14.35 -12.98
C TRP A 250 -18.28 14.71 -14.44
N GLU A 251 -19.31 14.56 -15.25
CA GLU A 251 -19.21 14.87 -16.68
C GLU A 251 -18.99 16.36 -16.94
N GLU A 252 -19.44 17.21 -16.02
CA GLU A 252 -19.27 18.65 -16.16
C GLU A 252 -17.83 19.11 -15.92
N LEU A 253 -17.01 18.26 -15.30
CA LEU A 253 -15.63 18.61 -14.99
C LEU A 253 -14.73 18.68 -16.20
N PRO A 254 -13.92 19.75 -16.30
CA PRO A 254 -12.83 19.71 -17.29
C PRO A 254 -11.87 18.56 -16.98
N GLU A 255 -11.17 18.08 -18.00
CA GLU A 255 -10.41 16.86 -17.86
C GLU A 255 -9.28 17.05 -16.84
N ASP A 256 -8.64 18.21 -16.83
CA ASP A 256 -7.52 18.40 -15.91
C ASP A 256 -7.95 18.33 -14.44
N LEU A 257 -9.15 18.81 -14.12
CA LEU A 257 -9.65 18.75 -12.74
C LEU A 257 -10.12 17.34 -12.41
N ARG A 258 -10.67 16.65 -13.40
CA ARG A 258 -11.05 15.26 -13.23
C ARG A 258 -9.80 14.48 -12.81
N LEU A 259 -8.72 14.70 -13.55
CA LEU A 259 -7.47 14.01 -13.27
C LEU A 259 -6.90 14.38 -11.90
N LEU A 260 -6.94 15.67 -11.59
CA LEU A 260 -6.44 16.13 -10.30
C LEU A 260 -7.23 15.46 -9.19
N PHE A 261 -8.55 15.35 -9.34
CA PHE A 261 -9.34 14.73 -8.29
C PHE A 261 -8.97 13.26 -8.15
N GLU A 262 -8.81 12.56 -9.27
CA GLU A 262 -8.52 11.14 -9.22
C GLU A 262 -7.19 10.91 -8.53
N VAL A 263 -6.22 11.78 -8.81
N VAL A 263 -6.22 11.76 -8.83
CA VAL A 263 -4.87 11.61 -8.27
CA VAL A 263 -4.88 11.62 -8.28
C VAL A 263 -4.83 11.93 -6.77
C VAL A 263 -4.89 11.90 -6.78
N CYS A 264 -5.56 12.96 -6.36
CA CYS A 264 -5.70 13.26 -4.92
C CYS A 264 -6.45 12.16 -4.19
N CYS A 265 -7.40 11.51 -4.86
CA CYS A 265 -8.10 10.41 -4.20
C CYS A 265 -7.17 9.22 -4.01
N GLU A 266 -6.32 8.93 -5.00
CA GLU A 266 -5.35 7.85 -4.87
C GLU A 266 -4.33 8.22 -3.79
N GLN A 267 -3.97 9.48 -3.67
CA GLN A 267 -3.09 9.89 -2.59
C GLN A 267 -3.74 9.65 -1.22
N SER A 268 -5.03 9.93 -1.12
CA SER A 268 -5.79 9.63 0.09
C SER A 268 -5.72 8.14 0.43
N HIS A 269 -5.90 7.31 -0.59
CA HIS A 269 -5.83 5.86 -0.37
C HIS A 269 -4.43 5.43 0.08
N TYR A 270 -3.40 5.94 -0.58
CA TYR A 270 -2.02 5.64 -0.25
C TYR A 270 -1.68 5.99 1.19
N HIS A 271 -2.09 7.18 1.58
CA HIS A 271 -1.91 7.63 2.95
C HIS A 271 -2.54 6.64 3.94
N ARG A 272 -3.78 6.24 3.70
CA ARG A 272 -4.41 5.25 4.58
C ARG A 272 -3.66 3.91 4.61
N GLN A 273 -3.12 3.47 3.49
CA GLN A 273 -2.37 2.21 3.42
C GLN A 273 -1.26 2.23 4.44
N TYR A 274 -0.44 3.28 4.46
CA TYR A 274 0.66 3.32 5.42
C TYR A 274 0.24 3.79 6.82
N TRP A 275 -0.79 4.63 6.93
CA TRP A 275 -1.29 5.06 8.23
C TRP A 275 -1.75 3.85 9.05
N TYR A 276 -2.54 2.98 8.45
CA TYR A 276 -3.02 1.80 9.16
C TYR A 276 -1.96 0.73 9.27
N TRP A 277 -1.12 0.52 8.26
CA TRP A 277 -0.07 -0.48 8.39
C TRP A 277 0.81 -0.16 9.60
N GLY A 278 1.15 1.13 9.75
CA GLY A 278 1.98 1.54 10.87
C GLY A 278 1.25 1.58 12.18
N GLY A 279 0.03 2.12 12.15
CA GLY A 279 -0.72 2.32 13.38
C GLY A 279 -1.17 1.05 14.09
N GLU A 280 -1.66 0.06 13.34
CA GLU A 280 -2.16 -1.18 13.98
C GLU A 280 -1.04 -1.88 14.77
N ALA A 281 0.13 -2.03 14.14
CA ALA A 281 1.26 -2.68 14.81
C ALA A 281 1.74 -1.86 16.00
N ARG A 282 1.95 -0.58 15.80
CA ARG A 282 2.54 0.24 16.86
C ARG A 282 1.63 0.31 18.11
N LEU A 283 0.33 0.50 17.92
CA LEU A 283 -0.59 0.65 19.05
C LEU A 283 -0.84 -0.65 19.75
N ARG A 284 -0.86 -1.77 19.02
CA ARG A 284 -0.96 -3.04 19.69
C ARG A 284 0.21 -3.26 20.64
N VAL A 285 1.41 -2.91 20.21
CA VAL A 285 2.60 -3.19 21.01
C VAL A 285 2.78 -2.15 22.11
N HIS A 286 2.53 -0.89 21.80
CA HIS A 286 2.90 0.19 22.70
C HIS A 286 1.74 0.98 23.35
N GLY A 287 0.52 0.80 22.86
CA GLY A 287 -0.60 1.55 23.42
C GLY A 287 -0.94 1.07 24.81
N ASP A 288 -1.52 1.96 25.62
CA ASP A 288 -1.75 1.70 27.04
C ASP A 288 -3.21 1.86 27.46
N LYS A 289 -4.08 2.10 26.49
CA LYS A 289 -5.48 2.42 26.77
C LYS A 289 -6.41 1.24 26.57
N LEU A 290 -5.93 0.19 25.90
CA LEU A 290 -6.72 -1.02 25.69
C LEU A 290 -5.83 -2.22 25.98
N GLU A 291 -6.41 -3.18 26.68
CA GLU A 291 -5.76 -4.41 27.04
C GLU A 291 -6.11 -5.49 26.00
N LEU A 292 -5.11 -6.14 25.44
CA LEU A 292 -5.36 -7.11 24.36
C LEU A 292 -5.90 -8.42 24.93
N THR A 293 -6.86 -9.01 24.23
CA THR A 293 -7.30 -10.39 24.50
C THR A 293 -7.27 -11.16 23.21
N SER A 294 -7.33 -12.48 23.33
CA SER A 294 -7.37 -13.39 22.18
C SER A 294 -8.30 -14.58 22.40
N ILE A 295 -8.97 -14.98 21.33
CA ILE A 295 -9.70 -16.24 21.31
C ILE A 295 -8.80 -17.30 20.66
N PRO A 296 -8.72 -18.51 21.24
CA PRO A 296 -7.82 -19.50 20.64
C PRO A 296 -8.17 -19.81 19.18
N ASP A 297 -7.15 -20.07 18.36
CA ASP A 297 -7.37 -20.30 16.93
C ASP A 297 -8.40 -21.38 16.65
N ALA A 298 -8.29 -22.50 17.33
CA ALA A 298 -9.21 -23.62 17.11
C ALA A 298 -10.66 -23.17 17.27
N GLU A 299 -10.90 -22.26 18.22
CA GLU A 299 -12.23 -21.73 18.47
C GLU A 299 -12.63 -20.77 17.35
N TRP A 300 -11.71 -19.88 17.01
CA TRP A 300 -11.97 -18.83 16.03
C TRP A 300 -12.13 -19.39 14.62
N ASP A 301 -11.61 -20.60 14.38
CA ASP A 301 -11.73 -21.24 13.07
C ASP A 301 -13.18 -21.52 12.75
N GLN A 302 -14.01 -21.59 13.79
CA GLN A 302 -15.45 -21.78 13.62
C GLN A 302 -16.07 -20.56 12.95
N VAL A 303 -15.54 -19.39 13.30
CA VAL A 303 -15.99 -18.14 12.73
C VAL A 303 -15.57 -18.08 11.26
N GLU A 304 -14.34 -18.47 10.95
CA GLU A 304 -13.90 -18.47 9.55
C GLU A 304 -14.71 -19.41 8.67
N THR A 305 -15.01 -20.60 9.17
CA THR A 305 -15.82 -21.55 8.43
C THR A 305 -17.24 -21.01 8.23
N ALA A 306 -17.79 -20.37 9.26
CA ALA A 306 -19.14 -19.83 9.17
C ALA A 306 -19.18 -18.76 8.08
N ALA A 307 -18.09 -18.00 7.95
CA ALA A 307 -18.04 -16.93 6.94
C ALA A 307 -18.19 -17.50 5.53
N GLN A 308 -17.58 -18.66 5.24
CA GLN A 308 -17.70 -19.23 3.90
C GLN A 308 -19.16 -19.59 3.59
N GLU A 309 -19.90 -20.11 4.58
CA GLU A 309 -21.31 -20.38 4.40
C GLU A 309 -22.08 -19.08 4.10
N PHE A 310 -21.70 -18.03 4.81
CA PHE A 310 -22.27 -16.70 4.63
C PHE A 310 -22.07 -16.20 3.19
N TRP A 311 -20.85 -16.33 2.68
CA TRP A 311 -20.58 -15.98 1.28
C TRP A 311 -21.47 -16.73 0.31
N ASP A 312 -21.71 -18.02 0.58
CA ASP A 312 -22.58 -18.83 -0.27
C ASP A 312 -24.03 -18.32 -0.22
N GLU A 313 -24.47 -17.85 0.95
CA GLU A 313 -25.85 -17.33 1.07
C GLU A 313 -25.94 -16.08 0.18
N ILE A 314 -24.89 -15.27 0.17
CA ILE A 314 -24.87 -14.07 -0.64
C ILE A 314 -24.84 -14.42 -2.13
N ALA A 315 -24.02 -15.41 -2.51
CA ALA A 315 -23.94 -15.83 -3.92
C ALA A 315 -25.30 -16.28 -4.45
N ALA A 316 -26.11 -16.89 -3.60
CA ALA A 316 -27.43 -17.38 -3.99
C ALA A 316 -28.34 -16.25 -4.47
N GLN A 317 -28.05 -15.02 -4.09
CA GLN A 317 -29.01 -13.93 -4.21
C GLN A 317 -29.08 -13.25 -5.57
N SER A 318 -27.98 -13.24 -6.34
CA SER A 318 -28.02 -12.70 -7.69
C SER A 318 -26.80 -13.19 -8.46
N GLU A 319 -26.82 -13.00 -9.78
CA GLU A 319 -25.70 -13.41 -10.62
C GLU A 319 -24.47 -12.61 -10.33
N THR A 320 -24.67 -11.31 -10.04
CA THR A 320 -23.54 -10.44 -9.79
C THR A 320 -22.92 -10.74 -8.42
N LYS A 321 -23.74 -10.94 -7.41
CA LYS A 321 -23.20 -11.40 -6.13
C LYS A 321 -22.45 -12.74 -6.27
N ALA A 322 -22.97 -13.68 -7.05
CA ALA A 322 -22.29 -14.95 -7.23
C ALA A 322 -20.92 -14.74 -7.91
N LYS A 323 -20.87 -13.83 -8.88
CA LYS A 323 -19.68 -13.54 -9.65
C LYS A 323 -18.62 -12.98 -8.73
N VAL A 324 -19.03 -12.05 -7.89
CA VAL A 324 -18.08 -11.38 -6.98
C VAL A 324 -17.60 -12.37 -5.89
N VAL A 325 -18.51 -13.19 -5.35
CA VAL A 325 -18.12 -14.18 -4.34
C VAL A 325 -17.06 -15.11 -4.92
N GLU A 326 -17.24 -15.54 -6.17
CA GLU A 326 -16.30 -16.43 -6.81
C GLU A 326 -14.93 -15.77 -6.97
N ILE A 327 -14.93 -14.48 -7.27
CA ILE A 327 -13.66 -13.73 -7.35
C ILE A 327 -12.92 -13.74 -5.99
N PHE A 328 -13.66 -13.47 -4.93
CA PHE A 328 -13.07 -13.53 -3.59
C PHE A 328 -12.55 -14.93 -3.28
N LYS A 329 -13.29 -15.97 -3.62
CA LYS A 329 -12.81 -17.33 -3.40
C LYS A 329 -11.53 -17.63 -4.17
N GLN A 330 -11.50 -17.29 -5.45
CA GLN A 330 -10.37 -17.61 -6.29
C GLN A 330 -9.15 -16.84 -5.81
N TYR A 331 -9.39 -15.58 -5.43
CA TYR A 331 -8.27 -14.74 -4.99
C TYR A 331 -7.64 -15.34 -3.74
N ASN A 332 -8.45 -15.75 -2.78
CA ASN A 332 -7.94 -16.29 -1.54
C ASN A 332 -7.28 -17.64 -1.75
N ALA A 333 -7.81 -18.45 -2.66
CA ALA A 333 -7.20 -19.74 -2.99
C ALA A 333 -5.82 -19.50 -3.59
N ASP A 334 -5.70 -18.50 -4.47
CA ASP A 334 -4.40 -18.22 -5.09
C ASP A 334 -3.42 -17.62 -4.07
N MET A 335 -3.90 -16.90 -3.07
CA MET A 335 -3.00 -16.44 -2.00
C MET A 335 -2.33 -17.63 -1.29
N ARG A 336 -3.10 -18.64 -0.99
CA ARG A 336 -2.58 -19.84 -0.35
C ARG A 336 -1.55 -20.52 -1.26
N LYS A 337 -1.84 -20.62 -2.56
CA LYS A 337 -0.93 -21.26 -3.51
C LYS A 337 0.39 -20.48 -3.63
N ALA A 338 0.31 -19.14 -3.56
CA ALA A 338 1.47 -18.28 -3.77
C ALA A 338 2.46 -18.38 -2.61
N GLY A 339 1.92 -18.50 -1.39
CA GLY A 339 2.76 -18.64 -0.23
C GLY A 339 3.24 -17.30 0.31
N ARG A 340 4.45 -17.28 0.84
CA ARG A 340 4.98 -16.10 1.54
C ARG A 340 5.25 -14.90 0.65
N PRO A 341 5.00 -13.68 1.15
CA PRO A 341 4.50 -13.26 2.46
C PRO A 341 2.97 -13.14 2.52
N TYR A 342 2.27 -13.71 1.53
CA TYR A 342 0.80 -13.63 1.48
C TYR A 342 0.15 -14.56 2.51
N ARG A 343 0.64 -15.81 2.55
CA ARG A 343 0.15 -16.85 3.47
C ARG A 343 1.32 -17.67 4.00
N TYR A 344 1.20 -18.09 5.27
CA TYR A 344 2.21 -18.85 5.96
C TYR A 344 1.62 -20.14 6.48
N VAL A 345 2.32 -21.24 6.19
CA VAL A 345 2.00 -22.50 6.84
C VAL A 345 3.01 -22.78 7.95
N PRO B 29 7.51 30.40 -15.18
CA PRO B 29 6.61 30.28 -16.33
C PRO B 29 7.10 29.23 -17.33
N THR B 30 6.33 28.18 -17.50
CA THR B 30 6.67 27.12 -18.45
C THR B 30 8.07 26.59 -18.20
N ILE B 31 8.14 25.89 -17.08
CA ILE B 31 9.31 25.22 -16.59
C ILE B 31 9.55 23.94 -17.39
N LYS B 32 10.81 23.70 -17.73
CA LYS B 32 11.22 22.52 -18.46
C LYS B 32 12.14 21.69 -17.58
N TRP B 33 11.67 20.52 -17.18
CA TRP B 33 12.49 19.54 -16.47
C TRP B 33 12.78 18.30 -17.30
N ARG B 34 13.93 17.71 -17.02
CA ARG B 34 14.28 16.38 -17.49
C ARG B 34 14.47 15.50 -16.27
N MET B 35 13.82 14.35 -16.28
CA MET B 35 13.97 13.39 -15.20
C MET B 35 14.57 12.13 -15.81
N GLN B 36 15.58 11.57 -15.16
CA GLN B 36 16.09 10.26 -15.56
C GLN B 36 15.79 9.24 -14.49
N THR B 37 15.18 8.13 -14.90
CA THR B 37 14.95 7.02 -14.01
C THR B 37 16.01 5.93 -14.17
N TYR B 38 16.27 5.22 -13.07
CA TYR B 38 17.06 3.98 -13.01
C TYR B 38 16.40 2.89 -13.92
N ALA B 39 15.08 2.95 -14.15
CA ALA B 39 14.44 1.85 -14.87
C ALA B 39 14.73 1.84 -16.35
N GLY B 40 14.98 0.67 -16.91
CA GLY B 40 15.00 0.56 -18.36
C GLY B 40 13.66 0.93 -18.98
N ALA B 41 13.67 1.14 -20.30
CA ALA B 41 12.47 1.61 -21.00
C ALA B 41 11.21 0.77 -20.73
N ALA B 42 11.31 -0.54 -20.87
CA ALA B 42 10.16 -1.42 -20.71
C ALA B 42 9.63 -1.36 -19.28
N LEU B 43 10.53 -1.12 -18.31
CA LEU B 43 10.13 -1.03 -16.91
C LEU B 43 9.58 0.36 -16.56
N ALA B 44 10.20 1.41 -17.14
CA ALA B 44 9.75 2.79 -16.90
C ALA B 44 8.27 2.99 -17.26
N GLU B 45 7.83 2.27 -18.28
CA GLU B 45 6.42 2.22 -18.66
C GLU B 45 5.45 1.95 -17.50
N HIS B 46 5.92 1.24 -16.49
CA HIS B 46 5.08 0.81 -15.36
C HIS B 46 5.39 1.55 -14.06
N VAL B 47 6.63 2.00 -13.87
CA VAL B 47 7.05 2.51 -12.57
C VAL B 47 7.26 4.03 -12.49
N ALA B 48 7.25 4.73 -13.63
CA ALA B 48 7.42 6.19 -13.65
C ALA B 48 6.54 6.92 -14.68
N LYS B 49 6.38 6.33 -15.87
CA LYS B 49 5.74 7.03 -16.98
C LYS B 49 4.29 7.45 -16.66
N PRO B 50 3.52 6.56 -16.02
CA PRO B 50 2.12 6.94 -15.81
C PRO B 50 1.96 8.21 -14.98
N ALA B 51 2.75 8.33 -13.91
CA ALA B 51 2.63 9.50 -13.05
C ALA B 51 3.21 10.75 -13.69
N ILE B 52 4.30 10.60 -14.45
CA ILE B 52 4.83 11.75 -15.17
C ILE B 52 3.86 12.20 -16.27
N ASP B 53 3.24 11.27 -16.99
CA ASP B 53 2.25 11.63 -18.01
C ASP B 53 1.07 12.38 -17.36
N LEU B 54 0.67 11.93 -16.18
CA LEU B 54 -0.44 12.57 -15.45
C LEU B 54 -0.04 13.98 -15.03
N PHE B 55 1.17 14.12 -14.50
CA PHE B 55 1.65 15.43 -14.11
C PHE B 55 1.59 16.38 -15.27
N ASN B 56 2.09 15.93 -16.42
CA ASN B 56 2.17 16.75 -17.62
C ASN B 56 0.80 17.15 -18.12
N ARG B 57 -0.15 16.23 -18.07
CA ARG B 57 -1.51 16.54 -18.49
C ARG B 57 -2.15 17.60 -17.61
N ILE B 58 -1.93 17.47 -16.30
CA ILE B 58 -2.51 18.42 -15.37
C ILE B 58 -1.81 19.79 -15.43
N ALA B 59 -0.47 19.76 -15.48
CA ALA B 59 0.35 20.98 -15.47
C ALA B 59 0.23 21.78 -16.76
N GLY B 60 0.15 21.09 -17.90
CA GLY B 60 0.01 21.77 -19.17
C GLY B 60 1.18 22.69 -19.44
N ASP B 61 0.88 23.88 -19.94
CA ASP B 61 1.90 24.82 -20.41
C ASP B 61 2.73 25.41 -19.25
N ARG B 62 2.30 25.20 -18.01
CA ARG B 62 3.03 25.74 -16.85
C ARG B 62 4.38 25.04 -16.71
N MET B 63 4.40 23.76 -17.03
CA MET B 63 5.57 22.93 -16.72
C MET B 63 5.45 21.57 -17.39
N GLN B 64 6.58 21.07 -17.90
CA GLN B 64 6.64 19.74 -18.50
C GLN B 64 7.88 19.00 -18.05
N ILE B 65 7.71 17.72 -17.77
CA ILE B 65 8.80 16.85 -17.39
C ILE B 65 9.04 15.81 -18.47
N GLU B 66 10.22 15.85 -19.10
CA GLU B 66 10.60 14.83 -20.06
C GLU B 66 11.24 13.67 -19.30
N LEU B 67 10.71 12.47 -19.48
CA LEU B 67 11.25 11.28 -18.82
C LEU B 67 12.21 10.48 -19.70
N TYR B 68 13.42 10.26 -19.17
CA TYR B 68 14.45 9.42 -19.78
C TYR B 68 14.67 8.15 -18.95
N SER B 69 14.96 7.05 -19.62
CA SER B 69 15.14 5.75 -18.94
C SER B 69 16.61 5.44 -18.66
N ALA B 70 16.87 4.23 -18.20
CA ALA B 70 18.18 3.85 -17.71
C ALA B 70 19.33 4.26 -18.63
N ASP B 71 20.27 5.00 -18.05
CA ASP B 71 21.52 5.38 -18.73
C ASP B 71 21.34 6.23 -19.99
N GLN B 72 20.16 6.85 -20.18
CA GLN B 72 19.89 7.46 -21.50
C GLN B 72 20.59 8.79 -21.71
N LEU B 73 20.48 9.71 -20.76
CA LEU B 73 21.20 10.99 -20.87
C LEU B 73 22.62 10.90 -20.33
N VAL B 74 22.77 10.28 -19.16
CA VAL B 74 24.07 10.07 -18.57
C VAL B 74 24.11 8.67 -18.01
N PRO B 75 25.30 8.06 -17.98
CA PRO B 75 25.39 6.76 -17.33
C PRO B 75 25.09 6.81 -15.85
N THR B 76 24.65 5.67 -15.34
CA THR B 76 24.35 5.48 -13.92
C THR B 76 25.42 6.10 -12.99
N GLY B 77 26.68 5.82 -13.28
CA GLY B 77 27.76 6.28 -12.43
C GLY B 77 27.96 7.78 -12.40
N GLU B 78 27.38 8.47 -13.37
CA GLU B 78 27.38 9.92 -13.43
C GLU B 78 26.06 10.58 -13.01
N LEU B 79 25.04 9.79 -12.69
CA LEU B 79 23.69 10.31 -12.54
C LEU B 79 23.56 11.25 -11.33
N PHE B 80 24.08 10.83 -10.18
CA PHE B 80 24.00 11.67 -9.00
C PHE B 80 24.62 13.05 -9.24
N ARG B 81 25.84 13.09 -9.75
CA ARG B 81 26.49 14.38 -9.97
C ARG B 81 25.84 15.21 -11.06
N ALA B 82 25.28 14.54 -12.08
CA ALA B 82 24.54 15.25 -13.11
C ALA B 82 23.32 15.98 -12.51
N MET B 83 22.62 15.33 -11.58
CA MET B 83 21.52 16.00 -10.92
C MET B 83 22.00 17.11 -9.97
N GLN B 84 23.07 16.86 -9.23
CA GLN B 84 23.57 17.82 -8.26
C GLN B 84 23.97 19.11 -8.98
N ARG B 85 24.58 18.95 -10.15
CA ARG B 85 25.09 20.06 -10.92
C ARG B 85 23.99 20.77 -11.70
N GLY B 86 22.87 20.10 -11.93
CA GLY B 86 21.75 20.73 -12.62
C GLY B 86 21.60 20.40 -14.09
N THR B 87 22.45 19.52 -14.61
CA THR B 87 22.31 19.03 -15.96
C THR B 87 21.01 18.27 -16.11
N ILE B 88 20.68 17.47 -15.09
CA ILE B 88 19.42 16.75 -15.01
C ILE B 88 18.66 17.30 -13.82
N ASP B 89 17.38 17.58 -13.98
CA ASP B 89 16.65 18.25 -12.92
C ASP B 89 16.16 17.27 -11.85
N ALA B 90 15.76 16.08 -12.27
CA ALA B 90 15.15 15.13 -11.34
C ALA B 90 15.57 13.70 -11.63
N VAL B 91 15.51 12.87 -10.60
CA VAL B 91 15.90 11.48 -10.72
C VAL B 91 14.91 10.60 -9.97
N GLN B 92 14.55 9.49 -10.59
CA GLN B 92 13.92 8.41 -9.86
C GLN B 92 14.95 7.28 -9.73
N SER B 93 15.34 6.95 -8.51
CA SER B 93 16.39 5.95 -8.29
C SER B 93 16.47 5.57 -6.83
N ASP B 94 17.00 4.37 -6.58
CA ASP B 94 17.58 4.04 -5.28
C ASP B 94 18.90 4.80 -5.08
N ASP B 95 19.38 4.85 -3.85
CA ASP B 95 20.63 5.52 -3.52
C ASP B 95 21.81 4.69 -3.94
N ASP B 96 21.64 3.38 -3.95
CA ASP B 96 22.78 2.45 -3.96
C ASP B 96 23.38 2.32 -5.35
N SER B 97 22.54 2.11 -6.36
CA SER B 97 23.04 1.90 -7.71
C SER B 97 23.77 3.14 -8.24
N MET B 98 23.34 4.33 -7.83
CA MET B 98 23.97 5.57 -8.29
C MET B 98 25.05 6.09 -7.31
N ALA B 99 25.24 5.36 -6.21
CA ALA B 99 26.33 5.63 -5.27
C ALA B 99 26.33 7.07 -4.81
N SER B 100 25.16 7.55 -4.37
CA SER B 100 25.08 8.86 -3.76
C SER B 100 26.12 8.97 -2.66
N PRO B 101 26.80 10.12 -2.57
CA PRO B 101 27.78 10.29 -1.50
C PRO B 101 27.12 10.72 -0.19
N THR B 102 26.38 9.78 0.43
CA THR B 102 25.71 10.05 1.69
C THR B 102 25.89 8.91 2.66
N GLU B 103 25.54 9.17 3.92
CA GLU B 103 25.59 8.16 4.97
C GLU B 103 24.45 7.11 4.89
N VAL B 104 23.43 7.37 4.09
CA VAL B 104 22.30 6.44 4.06
C VAL B 104 22.26 5.63 2.76
N THR B 105 23.25 5.79 1.90
CA THR B 105 23.25 5.14 0.60
C THR B 105 23.15 3.60 0.69
N VAL B 106 23.83 3.02 1.68
CA VAL B 106 23.83 1.56 1.86
C VAL B 106 22.47 0.97 2.25
N PHE B 107 21.51 1.82 2.58
CA PHE B 107 20.17 1.33 2.95
C PHE B 107 19.18 1.35 1.81
N GLY B 108 19.47 2.12 0.77
CA GLY B 108 18.63 2.10 -0.42
C GLY B 108 18.82 0.82 -1.24
N GLY B 109 17.98 0.59 -2.24
CA GLY B 109 18.07 -0.62 -3.01
C GLY B 109 17.58 -1.78 -2.18
N TYR B 110 18.38 -2.85 -2.09
CA TYR B 110 18.02 -4.02 -1.30
C TYR B 110 18.86 -4.22 -0.05
N PHE B 111 18.51 -3.55 1.05
CA PHE B 111 19.21 -3.71 2.30
C PHE B 111 18.79 -5.08 2.83
N PRO B 112 19.72 -6.03 2.93
CA PRO B 112 19.35 -7.43 3.17
C PRO B 112 18.42 -7.66 4.36
N PHE B 113 17.25 -8.25 4.08
CA PHE B 113 16.28 -8.61 5.11
C PHE B 113 15.74 -7.42 5.91
N GLY B 114 15.77 -6.23 5.33
CA GLY B 114 15.36 -5.05 6.05
C GLY B 114 13.85 -4.95 6.18
N CYS B 115 13.16 -5.13 5.06
CA CYS B 115 11.70 -5.02 4.99
C CYS B 115 11.06 -6.31 4.51
N ARG B 116 10.18 -6.88 5.32
CA ARG B 116 9.45 -8.07 4.91
C ARG B 116 8.33 -7.72 3.90
N TYR B 117 7.73 -6.54 4.10
CA TYR B 117 6.58 -6.05 3.35
C TYR B 117 6.82 -4.69 2.71
N SER B 118 6.27 -4.50 1.52
CA SER B 118 6.38 -3.22 0.83
C SER B 118 5.84 -2.06 1.65
N LEU B 119 4.76 -2.23 2.42
CA LEU B 119 4.25 -1.10 3.23
C LEU B 119 5.18 -0.68 4.38
N ASP B 120 6.16 -1.54 4.72
CA ASP B 120 7.16 -1.16 5.69
C ASP B 120 7.96 0.06 5.25
N VAL B 121 8.10 0.29 3.94
CA VAL B 121 8.94 1.40 3.48
C VAL B 121 8.29 2.76 3.82
N PRO B 122 7.04 3.00 3.36
CA PRO B 122 6.43 4.28 3.77
C PRO B 122 6.21 4.49 5.28
N VAL B 123 6.04 3.39 5.99
CA VAL B 123 5.89 3.48 7.43
C VAL B 123 7.22 3.89 8.05
N LEU B 124 8.30 3.23 7.67
CA LEU B 124 9.63 3.58 8.20
C LEU B 124 9.96 5.06 7.94
N PHE B 125 9.72 5.51 6.72
CA PHE B 125 9.95 6.90 6.36
C PHE B 125 9.06 7.92 7.07
N ASN B 126 7.76 7.64 7.14
CA ASN B 126 6.80 8.61 7.66
C ASN B 126 6.57 8.54 9.16
N GLN B 127 6.83 7.37 9.76
CA GLN B 127 6.55 7.17 11.18
C GLN B 127 7.75 6.78 12.07
N TYR B 128 8.86 6.32 11.48
CA TYR B 128 10.02 5.96 12.27
C TYR B 128 11.26 6.79 11.95
N GLY B 129 11.05 7.96 11.36
CA GLY B 129 12.10 8.96 11.25
C GLY B 129 13.00 8.93 10.02
N LEU B 130 12.79 8.02 9.08
CA LEU B 130 13.78 7.89 8.00
C LEU B 130 13.64 9.07 7.04
N LYS B 131 12.44 9.66 6.89
CA LYS B 131 12.28 10.79 5.97
C LYS B 131 13.13 12.01 6.37
N GLU B 132 13.16 12.33 7.66
CA GLU B 132 13.95 13.44 8.13
C GLU B 132 15.45 13.19 7.95
N ILE B 133 15.88 11.94 8.15
CA ILE B 133 17.27 11.59 7.96
C ILE B 133 17.66 11.70 6.49
N TRP B 134 16.85 11.13 5.58
CA TRP B 134 17.16 11.24 4.16
C TRP B 134 17.15 12.72 3.73
N GLU B 135 16.20 13.51 4.21
CA GLU B 135 16.17 14.92 3.84
C GLU B 135 17.45 15.68 4.25
N GLU B 136 17.89 15.49 5.48
CA GLU B 136 19.11 16.15 5.97
C GLU B 136 20.31 15.69 5.17
N GLU B 137 20.40 14.39 4.93
CA GLU B 137 21.57 13.86 4.23
C GLU B 137 21.67 14.38 2.79
N TYR B 138 20.56 14.42 2.08
CA TYR B 138 20.58 14.88 0.70
C TYR B 138 20.66 16.41 0.59
N ALA B 139 20.05 17.14 1.53
CA ALA B 139 20.17 18.60 1.53
C ALA B 139 21.64 19.05 1.64
N LYS B 140 22.41 18.36 2.47
CA LYS B 140 23.86 18.60 2.62
C LYS B 140 24.57 18.61 1.28
N VAL B 141 24.09 17.79 0.34
CA VAL B 141 24.70 17.66 -0.97
C VAL B 141 23.84 18.21 -2.13
N GLY B 142 23.00 19.19 -1.82
CA GLY B 142 22.36 19.99 -2.86
C GLY B 142 21.19 19.32 -3.56
N VAL B 143 20.59 18.33 -2.90
CA VAL B 143 19.50 17.55 -3.47
C VAL B 143 18.30 17.49 -2.53
N LYS B 144 17.13 17.64 -3.14
CA LYS B 144 15.86 17.48 -2.42
C LYS B 144 15.36 16.05 -2.51
N HIS B 145 15.26 15.40 -1.36
CA HIS B 145 14.58 14.13 -1.28
C HIS B 145 13.11 14.42 -1.23
N VAL B 146 12.41 14.03 -2.27
CA VAL B 146 11.00 14.33 -2.37
C VAL B 146 10.20 13.29 -1.61
N SER B 147 10.32 12.02 -2.01
CA SER B 147 9.67 10.94 -1.28
C SER B 147 10.32 9.61 -1.61
N ALA B 148 10.26 8.72 -0.64
CA ALA B 148 10.69 7.35 -0.78
C ALA B 148 9.49 6.47 -1.08
N GLY B 149 9.74 5.33 -1.72
CA GLY B 149 8.70 4.33 -1.88
C GLY B 149 9.29 2.93 -1.99
N ALA B 150 8.41 1.94 -1.87
CA ALA B 150 8.74 0.56 -2.13
C ALA B 150 8.57 0.15 -3.59
N TRP B 151 9.42 -0.77 -4.00
CA TRP B 151 9.17 -1.49 -5.24
C TRP B 151 8.99 -2.98 -4.85
N ASP B 152 9.74 -3.88 -5.48
CA ASP B 152 9.53 -5.33 -5.42
C ASP B 152 10.50 -6.06 -4.47
N PRO B 153 10.17 -7.33 -4.11
CA PRO B 153 11.18 -8.15 -3.42
C PRO B 153 12.38 -8.51 -4.31
N CYS B 154 13.49 -8.96 -3.72
CA CYS B 154 14.67 -9.39 -4.46
C CYS B 154 14.79 -10.92 -4.49
N HIS B 155 14.64 -11.51 -5.68
CA HIS B 155 14.76 -12.95 -5.88
C HIS B 155 15.77 -13.26 -6.98
N PHE B 156 16.44 -14.41 -6.82
CA PHE B 156 17.29 -14.95 -7.87
C PHE B 156 16.45 -15.55 -8.97
N ALA B 157 16.64 -15.05 -10.19
CA ALA B 157 16.19 -15.74 -11.40
C ALA B 157 17.43 -16.20 -12.20
N THR B 158 17.49 -17.48 -12.53
CA THR B 158 18.72 -18.05 -13.05
C THR B 158 18.53 -19.08 -14.17
N LYS B 159 19.60 -19.41 -14.87
CA LYS B 159 19.49 -20.41 -15.92
C LYS B 159 19.46 -21.81 -15.33
N GLU B 160 20.21 -21.99 -14.24
CA GLU B 160 20.29 -23.27 -13.56
C GLU B 160 19.59 -23.21 -12.22
N PRO B 161 18.99 -24.33 -11.80
CA PRO B 161 18.22 -24.33 -10.55
C PRO B 161 19.10 -24.15 -9.30
N ILE B 162 18.61 -23.35 -8.37
CA ILE B 162 19.25 -23.19 -7.07
C ILE B 162 18.43 -23.97 -6.05
N ARG B 163 19.03 -25.04 -5.52
CA ARG B 163 18.36 -25.92 -4.57
C ARG B 163 19.10 -25.99 -3.24
N SER B 164 20.30 -25.41 -3.19
CA SER B 164 21.08 -25.29 -1.95
C SER B 164 21.90 -24.01 -1.98
N LEU B 165 22.45 -23.63 -0.83
CA LEU B 165 23.37 -22.48 -0.76
C LEU B 165 24.61 -22.64 -1.65
N LYS B 166 25.14 -23.84 -1.75
CA LYS B 166 26.36 -24.03 -2.53
C LYS B 166 26.11 -23.73 -3.99
N ASP B 167 24.86 -23.84 -4.43
CA ASP B 167 24.50 -23.51 -5.81
C ASP B 167 24.68 -22.02 -6.14
N LEU B 168 24.73 -21.18 -5.12
CA LEU B 168 24.98 -19.76 -5.32
C LEU B 168 26.45 -19.51 -5.65
N GLU B 169 27.31 -20.45 -5.30
CA GLU B 169 28.74 -20.26 -5.46
C GLU B 169 29.16 -20.14 -6.92
N GLY B 170 29.80 -19.03 -7.26
CA GLY B 170 30.31 -18.79 -8.59
C GLY B 170 29.38 -18.02 -9.51
N LYS B 171 28.10 -17.95 -9.13
CA LYS B 171 27.08 -17.31 -9.98
C LYS B 171 27.34 -15.82 -10.22
N ARG B 172 27.46 -15.45 -11.48
CA ARG B 172 27.54 -14.06 -11.91
C ARG B 172 26.10 -13.53 -12.05
N VAL B 173 25.71 -12.62 -11.17
CA VAL B 173 24.37 -12.07 -11.21
C VAL B 173 24.34 -10.54 -11.18
N PHE B 174 23.42 -10.00 -11.92
CA PHE B 174 23.12 -8.57 -11.91
C PHE B 174 22.42 -8.22 -10.62
N THR B 175 23.01 -7.31 -9.85
CA THR B 175 22.41 -6.91 -8.58
C THR B 175 22.82 -5.49 -8.22
N PHE B 176 22.52 -5.10 -7.00
CA PHE B 176 22.82 -3.77 -6.46
C PHE B 176 24.10 -3.84 -5.65
N PRO B 177 24.79 -2.70 -5.52
CA PRO B 177 26.14 -2.77 -4.94
C PRO B 177 26.18 -3.28 -3.50
N THR B 178 25.27 -2.84 -2.64
CA THR B 178 25.33 -3.27 -1.23
C THR B 178 24.82 -4.70 -1.04
N ALA B 179 23.67 -5.02 -1.63
CA ALA B 179 23.22 -6.40 -1.64
C ALA B 179 24.30 -7.33 -2.23
N GLY B 180 24.99 -6.87 -3.28
CA GLY B 180 26.03 -7.67 -3.89
C GLY B 180 27.21 -7.92 -2.96
N ARG B 181 27.62 -6.91 -2.19
CA ARG B 181 28.69 -7.08 -1.23
C ARG B 181 28.26 -8.10 -0.17
N PHE B 182 26.99 -8.07 0.22
CA PHE B 182 26.52 -9.10 1.14
C PHE B 182 26.59 -10.49 0.49
N LEU B 183 26.06 -10.60 -0.73
CA LEU B 183 25.98 -11.90 -1.39
C LEU B 183 27.36 -12.51 -1.71
N SER B 184 28.39 -11.67 -1.80
CA SER B 184 29.73 -12.15 -2.11
C SER B 184 30.21 -13.17 -1.08
N ARG B 185 29.65 -13.10 0.14
CA ARG B 185 30.11 -13.97 1.22
C ARG B 185 29.73 -15.41 0.91
N PHE B 186 28.72 -15.59 0.05
CA PHE B 186 28.27 -16.90 -0.36
C PHE B 186 28.81 -17.33 -1.72
N GLY B 187 29.85 -16.64 -2.20
CA GLY B 187 30.50 -17.01 -3.45
C GLY B 187 29.84 -16.36 -4.66
N VAL B 188 28.82 -15.55 -4.43
CA VAL B 188 28.16 -14.89 -5.54
C VAL B 188 29.09 -13.83 -6.15
N VAL B 189 29.01 -13.66 -7.46
CA VAL B 189 29.79 -12.65 -8.14
C VAL B 189 28.85 -11.56 -8.60
N PRO B 190 28.85 -10.42 -7.91
CA PRO B 190 27.92 -9.35 -8.28
C PRO B 190 28.42 -8.57 -9.50
N VAL B 191 27.56 -8.43 -10.49
CA VAL B 191 27.94 -7.79 -11.74
C VAL B 191 27.03 -6.58 -11.87
N THR B 192 27.62 -5.46 -12.26
CA THR B 192 26.80 -4.35 -12.66
C THR B 192 27.12 -4.09 -14.12
N LEU B 193 26.05 -4.12 -14.90
CA LEU B 193 26.06 -3.77 -16.29
C LEU B 193 24.89 -2.82 -16.44
N PRO B 194 24.85 -2.07 -17.53
CA PRO B 194 23.64 -1.30 -17.81
C PRO B 194 22.41 -2.19 -17.97
N TRP B 195 21.27 -1.73 -17.46
CA TRP B 195 20.03 -2.51 -17.47
C TRP B 195 19.64 -2.99 -18.86
N GLU B 196 19.84 -2.17 -19.89
CA GLU B 196 19.35 -2.55 -21.20
C GLU B 196 20.17 -3.71 -21.77
N ASP B 197 21.35 -3.97 -21.20
CA ASP B 197 22.27 -4.98 -21.72
C ASP B 197 22.10 -6.37 -21.09
N ILE B 198 21.20 -6.48 -20.12
CA ILE B 198 21.06 -7.68 -19.32
C ILE B 198 20.51 -8.87 -20.11
N GLU B 199 19.36 -8.65 -20.75
CA GLU B 199 18.54 -9.69 -21.36
C GLU B 199 19.34 -10.70 -22.18
N VAL B 200 20.31 -10.17 -22.93
CA VAL B 200 21.06 -11.00 -23.84
C VAL B 200 22.16 -11.74 -23.10
N ALA B 201 22.74 -11.08 -22.10
CA ALA B 201 23.86 -11.69 -21.40
C ALA B 201 23.29 -12.88 -20.64
N LEU B 202 21.98 -12.85 -20.39
CA LEU B 202 21.27 -14.01 -19.86
C LEU B 202 21.06 -15.04 -20.97
N GLN B 203 20.59 -14.56 -22.11
CA GLN B 203 20.39 -15.42 -23.26
C GLN B 203 21.74 -16.05 -23.61
N THR B 204 22.81 -15.26 -23.40
CA THR B 204 24.16 -15.76 -23.20
C THR B 204 25.19 -14.63 -23.28
N GLY B 205 26.22 -14.64 -22.43
CA GLY B 205 26.34 -15.55 -21.29
C GLY B 205 27.30 -15.02 -20.21
N GLU B 206 27.54 -13.71 -20.23
CA GLU B 206 28.40 -13.01 -19.27
C GLU B 206 27.74 -12.96 -17.89
N LEU B 207 26.44 -13.26 -17.88
CA LEU B 207 25.66 -13.40 -16.64
C LEU B 207 25.01 -14.79 -16.50
N ASP B 208 24.98 -15.32 -15.28
CA ASP B 208 24.26 -16.56 -14.99
C ASP B 208 22.84 -16.28 -14.49
N GLY B 209 22.59 -15.05 -14.11
CA GLY B 209 21.25 -14.75 -13.64
C GLY B 209 21.16 -13.37 -13.09
N ILE B 210 20.07 -13.13 -12.38
CA ILE B 210 19.72 -11.80 -11.89
C ILE B 210 19.28 -11.89 -10.44
N ALA B 211 19.71 -10.91 -9.64
CA ALA B 211 19.23 -10.71 -8.27
C ALA B 211 18.93 -9.22 -8.12
N TRP B 212 18.02 -8.73 -8.97
CA TRP B 212 17.79 -7.31 -9.19
C TRP B 212 16.34 -6.95 -9.01
N SER B 213 15.50 -7.96 -8.86
CA SER B 213 14.04 -7.77 -9.04
C SER B 213 13.28 -9.00 -8.57
N GLY B 214 11.96 -8.87 -8.57
CA GLY B 214 11.08 -9.99 -8.34
C GLY B 214 10.49 -10.48 -9.64
N ILE B 215 9.40 -11.23 -9.52
CA ILE B 215 8.88 -11.98 -10.64
C ILE B 215 8.03 -11.12 -11.58
N THR B 216 7.38 -10.09 -11.04
CA THR B 216 6.59 -9.18 -11.88
C THR B 216 7.47 -8.50 -12.89
N GLU B 217 8.60 -7.98 -12.47
CA GLU B 217 9.52 -7.36 -13.42
C GLU B 217 10.08 -8.42 -14.38
N ASP B 218 10.46 -9.57 -13.84
CA ASP B 218 11.02 -10.64 -14.67
C ASP B 218 10.14 -10.94 -15.89
N TYR B 219 8.85 -11.13 -15.67
CA TYR B 219 7.94 -11.39 -16.79
C TYR B 219 7.72 -10.13 -17.64
N THR B 220 7.55 -8.99 -16.99
CA THR B 220 7.20 -7.76 -17.70
C THR B 220 8.25 -7.33 -18.71
N VAL B 221 9.52 -7.38 -18.30
CA VAL B 221 10.59 -6.81 -19.11
C VAL B 221 11.30 -7.87 -19.98
N GLY B 222 10.89 -9.12 -19.86
CA GLY B 222 11.37 -10.15 -20.76
C GLY B 222 12.48 -11.02 -20.23
N TRP B 223 12.88 -10.80 -18.98
CA TRP B 223 13.97 -11.60 -18.39
C TRP B 223 13.54 -13.06 -18.18
N ALA B 224 12.24 -13.28 -17.98
CA ALA B 224 11.73 -14.64 -17.79
C ALA B 224 11.86 -15.48 -19.05
N ASN B 225 12.09 -14.84 -20.19
CA ASN B 225 12.20 -15.55 -21.46
C ASN B 225 13.59 -16.16 -21.64
N VAL B 226 14.52 -15.70 -20.80
CA VAL B 226 15.93 -16.06 -20.94
C VAL B 226 16.56 -16.52 -19.62
N THR B 227 15.71 -16.86 -18.66
CA THR B 227 16.10 -17.57 -17.46
C THR B 227 15.07 -18.68 -17.25
N ASN B 228 15.36 -19.61 -16.37
CA ASN B 228 14.59 -20.83 -16.27
C ASN B 228 14.01 -21.10 -14.88
N TYR B 229 14.69 -20.60 -13.85
CA TYR B 229 14.34 -20.90 -12.47
C TYR B 229 14.19 -19.66 -11.62
N PHE B 230 13.31 -19.77 -10.63
CA PHE B 230 13.00 -18.68 -9.70
C PHE B 230 13.09 -19.20 -8.28
N LEU B 231 14.05 -18.68 -7.51
CA LEU B 231 14.25 -19.08 -6.12
C LEU B 231 13.27 -18.33 -5.21
N THR B 232 12.44 -19.06 -4.46
CA THR B 232 11.39 -18.41 -3.65
C THR B 232 11.89 -17.71 -2.38
N ASN B 233 13.12 -18.04 -1.94
CA ASN B 233 13.69 -17.38 -0.76
C ASN B 233 14.26 -16.03 -1.16
N ASN B 234 13.58 -14.93 -0.81
CA ASN B 234 14.10 -13.60 -1.14
C ASN B 234 15.19 -13.12 -0.17
N ILE B 235 15.95 -12.11 -0.59
CA ILE B 235 16.88 -11.45 0.33
C ILE B 235 16.45 -10.05 0.74
N SER B 236 15.22 -9.70 0.38
CA SER B 236 14.57 -8.43 0.76
C SER B 236 13.16 -8.52 0.27
N GLY B 237 12.22 -8.09 1.09
CA GLY B 237 10.82 -8.02 0.70
C GLY B 237 10.43 -6.77 -0.08
N ALA B 238 11.32 -5.79 -0.17
CA ALA B 238 10.95 -4.50 -0.78
C ALA B 238 12.16 -3.61 -1.04
N TRP B 239 12.37 -3.28 -2.31
CA TRP B 239 13.40 -2.32 -2.75
C TRP B 239 13.00 -0.94 -2.29
N ILE B 240 13.99 -0.15 -1.87
CA ILE B 240 13.76 1.26 -1.53
C ILE B 240 14.35 2.15 -2.60
N GLY B 241 13.49 2.98 -3.17
CA GLY B 241 13.93 3.99 -4.12
C GLY B 241 13.16 5.27 -3.82
N HIS B 242 13.42 6.31 -4.62
CA HIS B 242 12.97 7.65 -4.29
C HIS B 242 12.83 8.51 -5.52
N PHE B 243 12.15 9.64 -5.35
CA PHE B 243 12.20 10.73 -6.32
C PHE B 243 13.08 11.81 -5.66
N PHE B 244 14.08 12.30 -6.41
CA PHE B 244 15.00 13.37 -6.01
C PHE B 244 14.89 14.52 -7.00
N VAL B 245 15.15 15.73 -6.51
CA VAL B 245 15.24 16.89 -7.39
C VAL B 245 16.45 17.76 -7.01
N ASN B 246 17.14 18.31 -8.00
CA ASN B 246 18.17 19.32 -7.76
C ASN B 246 17.56 20.37 -6.85
N MET B 247 18.22 20.70 -5.73
CA MET B 247 17.59 21.58 -4.73
C MET B 247 17.28 22.97 -5.28
N GLU B 248 18.17 23.51 -6.11
CA GLU B 248 17.92 24.82 -6.74
C GLU B 248 16.63 24.80 -7.55
N ARG B 249 16.48 23.79 -8.41
CA ARG B 249 15.23 23.64 -9.17
C ARG B 249 14.04 23.49 -8.24
N TRP B 250 14.22 22.77 -7.13
CA TRP B 250 13.11 22.55 -6.22
C TRP B 250 12.61 23.87 -5.62
N GLU B 251 13.52 24.71 -5.16
CA GLU B 251 13.13 25.96 -4.52
C GLU B 251 12.62 27.00 -5.53
N GLU B 252 12.90 26.79 -6.81
CA GLU B 252 12.37 27.65 -7.86
C GLU B 252 10.90 27.36 -8.18
N LEU B 253 10.44 26.16 -7.86
CA LEU B 253 9.09 25.78 -8.20
C LEU B 253 8.04 26.61 -7.45
N PRO B 254 7.00 27.06 -8.18
CA PRO B 254 5.82 27.62 -7.51
C PRO B 254 5.17 26.58 -6.59
N GLU B 255 4.54 27.05 -5.52
CA GLU B 255 3.89 26.16 -4.57
C GLU B 255 2.96 25.15 -5.25
N ASP B 256 2.09 25.60 -6.15
CA ASP B 256 1.07 24.69 -6.68
C ASP B 256 1.68 23.54 -7.50
N LEU B 257 2.75 23.82 -8.24
CA LEU B 257 3.44 22.80 -9.03
C LEU B 257 4.25 21.86 -8.13
N ARG B 258 4.84 22.38 -7.06
CA ARG B 258 5.55 21.55 -6.11
C ARG B 258 4.60 20.53 -5.49
N LEU B 259 3.45 20.99 -5.02
CA LEU B 259 2.43 20.11 -4.46
C LEU B 259 1.93 19.09 -5.48
N LEU B 260 1.74 19.53 -6.72
CA LEU B 260 1.28 18.65 -7.78
C LEU B 260 2.31 17.56 -8.01
N PHE B 261 3.57 17.96 -8.03
CA PHE B 261 4.63 16.99 -8.23
C PHE B 261 4.65 15.97 -7.10
N GLU B 262 4.56 16.45 -5.87
CA GLU B 262 4.61 15.56 -4.72
C GLU B 262 3.44 14.55 -4.77
N VAL B 263 2.24 15.04 -5.09
CA VAL B 263 1.08 14.18 -5.13
C VAL B 263 1.17 13.14 -6.26
N CYS B 264 1.67 13.53 -7.43
CA CYS B 264 1.87 12.57 -8.52
C CYS B 264 2.92 11.54 -8.16
N CYS B 265 3.97 11.96 -7.45
CA CYS B 265 4.98 10.98 -7.00
C CYS B 265 4.38 9.97 -6.01
N GLU B 266 3.50 10.42 -5.10
CA GLU B 266 2.83 9.50 -4.17
C GLU B 266 1.89 8.58 -4.95
N GLN B 267 1.26 9.10 -6.00
CA GLN B 267 0.43 8.25 -6.84
C GLN B 267 1.27 7.16 -7.52
N SER B 268 2.48 7.50 -7.92
CA SER B 268 3.42 6.56 -8.52
C SER B 268 3.73 5.48 -7.49
N HIS B 269 4.02 5.87 -6.25
CA HIS B 269 4.30 4.90 -5.21
C HIS B 269 3.12 3.98 -4.94
N TYR B 270 1.93 4.56 -4.89
CA TYR B 270 0.71 3.80 -4.62
C TYR B 270 0.51 2.77 -5.73
N HIS B 271 0.59 3.20 -6.98
CA HIS B 271 0.46 2.26 -8.08
C HIS B 271 1.45 1.09 -7.96
N ARG B 272 2.74 1.36 -7.67
CA ARG B 272 3.68 0.26 -7.49
C ARG B 272 3.25 -0.67 -6.32
N GLN B 273 2.75 -0.11 -5.24
CA GLN B 273 2.35 -0.93 -4.10
C GLN B 273 1.38 -2.01 -4.58
N TYR B 274 0.29 -1.65 -5.28
CA TYR B 274 -0.60 -2.69 -5.75
C TYR B 274 -0.14 -3.47 -7.01
N TRP B 275 0.65 -2.84 -7.87
CA TRP B 275 1.20 -3.53 -9.05
C TRP B 275 2.01 -4.73 -8.59
N TYR B 276 2.95 -4.51 -7.68
CA TYR B 276 3.74 -5.61 -7.17
C TYR B 276 2.98 -6.59 -6.26
N TRP B 277 2.12 -6.09 -5.39
CA TRP B 277 1.40 -6.98 -4.49
C TRP B 277 0.58 -7.96 -5.33
N GLY B 278 -0.01 -7.50 -6.43
CA GLY B 278 -0.78 -8.37 -7.30
C GLY B 278 0.06 -9.26 -8.21
N GLY B 279 1.12 -8.67 -8.75
CA GLY B 279 1.94 -9.36 -9.71
C GLY B 279 2.70 -10.54 -9.11
N GLU B 280 3.30 -10.37 -7.93
CA GLU B 280 4.20 -11.41 -7.43
C GLU B 280 3.40 -12.70 -7.20
N ALA B 281 2.25 -12.59 -6.52
CA ALA B 281 1.40 -13.75 -6.26
C ALA B 281 0.86 -14.38 -7.54
N ARG B 282 0.31 -13.55 -8.43
CA ARG B 282 -0.35 -14.08 -9.61
C ARG B 282 0.65 -14.80 -10.49
N LEU B 283 1.85 -14.23 -10.67
CA LEU B 283 2.82 -14.84 -11.60
C LEU B 283 3.48 -16.09 -10.98
N ARG B 284 3.67 -16.11 -9.67
CA ARG B 284 4.17 -17.32 -9.03
C ARG B 284 3.22 -18.50 -9.21
N VAL B 285 1.93 -18.21 -9.11
CA VAL B 285 0.93 -19.25 -9.24
C VAL B 285 0.66 -19.65 -10.68
N HIS B 286 0.61 -18.68 -11.60
CA HIS B 286 0.10 -18.95 -12.95
C HIS B 286 1.14 -18.79 -14.06
N GLY B 287 2.30 -18.22 -13.74
CA GLY B 287 3.36 -18.10 -14.72
C GLY B 287 3.93 -19.45 -15.13
N ASP B 288 4.22 -19.60 -16.42
CA ASP B 288 4.76 -20.86 -16.96
C ASP B 288 6.17 -20.71 -17.50
N LYS B 289 6.78 -19.54 -17.29
CA LYS B 289 8.11 -19.29 -17.84
C LYS B 289 9.27 -19.50 -16.87
N LEU B 290 8.97 -19.64 -15.59
CA LEU B 290 10.01 -19.88 -14.58
C LEU B 290 9.52 -20.98 -13.67
N GLU B 291 10.37 -21.96 -13.42
CA GLU B 291 10.03 -23.03 -12.46
C GLU B 291 10.49 -22.60 -11.08
N LEU B 292 9.61 -22.68 -10.08
CA LEU B 292 9.95 -22.27 -8.72
C LEU B 292 10.83 -23.31 -8.02
N THR B 293 11.85 -22.83 -7.32
CA THR B 293 12.66 -23.68 -6.45
C THR B 293 12.75 -23.02 -5.08
N SER B 294 13.10 -23.82 -4.08
CA SER B 294 13.23 -23.32 -2.73
C SER B 294 14.42 -23.96 -2.05
N ILE B 295 15.10 -23.18 -1.21
CA ILE B 295 16.12 -23.70 -0.31
C ILE B 295 15.41 -23.92 1.02
N PRO B 296 15.66 -25.06 1.67
CA PRO B 296 15.01 -25.29 2.95
C PRO B 296 15.26 -24.18 3.96
N ASP B 297 14.24 -23.89 4.77
CA ASP B 297 14.27 -22.82 5.75
C ASP B 297 15.45 -22.94 6.70
N ALA B 298 15.68 -24.15 7.23
CA ALA B 298 16.79 -24.37 8.14
C ALA B 298 18.11 -23.95 7.50
N GLU B 299 18.24 -24.20 6.20
CA GLU B 299 19.46 -23.85 5.48
C GLU B 299 19.54 -22.35 5.20
N TRP B 300 18.43 -21.76 4.79
CA TRP B 300 18.40 -20.34 4.48
C TRP B 300 18.59 -19.49 5.73
N ASP B 301 18.30 -20.05 6.91
CA ASP B 301 18.55 -19.34 8.15
C ASP B 301 19.99 -18.81 8.29
N GLN B 302 20.98 -19.51 7.72
CA GLN B 302 22.38 -19.04 7.72
C GLN B 302 22.51 -17.70 7.00
N VAL B 303 21.75 -17.53 5.92
CA VAL B 303 21.79 -16.28 5.18
C VAL B 303 21.25 -15.13 6.03
N GLU B 304 20.14 -15.39 6.73
CA GLU B 304 19.54 -14.37 7.58
C GLU B 304 20.48 -14.01 8.72
N THR B 305 21.14 -15.01 9.28
CA THR B 305 22.08 -14.77 10.37
C THR B 305 23.25 -13.94 9.88
N ALA B 306 23.74 -14.25 8.69
CA ALA B 306 24.84 -13.50 8.09
C ALA B 306 24.44 -12.05 7.85
N ALA B 307 23.18 -11.83 7.47
CA ALA B 307 22.72 -10.47 7.21
C ALA B 307 22.76 -9.64 8.49
N GLN B 308 22.47 -10.25 9.63
CA GLN B 308 22.55 -9.49 10.88
C GLN B 308 23.99 -9.08 11.21
N GLU B 309 24.95 -9.96 10.94
CA GLU B 309 26.37 -9.63 11.05
C GLU B 309 26.70 -8.46 10.11
N PHE B 310 26.17 -8.51 8.90
CA PHE B 310 26.39 -7.47 7.91
C PHE B 310 25.82 -6.14 8.41
N TRP B 311 24.61 -6.16 8.95
CA TRP B 311 24.07 -4.94 9.54
C TRP B 311 24.98 -4.36 10.61
N ASP B 312 25.53 -5.21 11.47
CA ASP B 312 26.40 -4.73 12.55
C ASP B 312 27.68 -4.11 12.01
N GLU B 313 28.20 -4.66 10.92
CA GLU B 313 29.41 -4.11 10.28
C GLU B 313 29.09 -2.70 9.76
N ILE B 314 27.92 -2.54 9.15
CA ILE B 314 27.49 -1.23 8.66
C ILE B 314 27.30 -0.25 9.81
N ALA B 315 26.64 -0.68 10.89
CA ALA B 315 26.38 0.21 12.03
C ALA B 315 27.69 0.77 12.58
N ALA B 316 28.74 -0.05 12.53
CA ALA B 316 30.04 0.32 13.08
C ALA B 316 30.74 1.41 12.27
N GLN B 317 30.28 1.66 11.05
CA GLN B 317 30.94 2.59 10.15
C GLN B 317 30.67 4.06 10.45
N SER B 318 29.52 4.39 11.03
CA SER B 318 29.24 5.79 11.38
C SER B 318 28.05 5.87 12.30
N GLU B 319 27.91 6.99 12.99
CA GLU B 319 26.80 7.14 13.92
C GLU B 319 25.44 7.18 13.17
N THR B 320 25.40 7.77 11.98
CA THR B 320 24.15 7.76 11.21
C THR B 320 23.75 6.34 10.81
N LYS B 321 24.73 5.57 10.32
CA LYS B 321 24.45 4.19 9.96
C LYS B 321 24.01 3.39 11.17
N ALA B 322 24.67 3.61 12.30
CA ALA B 322 24.23 2.94 13.52
C ALA B 322 22.78 3.29 13.87
N LYS B 323 22.43 4.56 13.72
CA LYS B 323 21.07 5.02 14.04
C LYS B 323 20.03 4.33 13.16
N VAL B 324 20.31 4.28 11.86
CA VAL B 324 19.40 3.63 10.92
C VAL B 324 19.32 2.14 11.16
N VAL B 325 20.46 1.48 11.37
CA VAL B 325 20.42 0.04 11.65
C VAL B 325 19.53 -0.24 12.88
N GLU B 326 19.64 0.59 13.92
CA GLU B 326 18.83 0.41 15.12
C GLU B 326 17.34 0.57 14.82
N ILE B 327 17.00 1.49 13.92
CA ILE B 327 15.60 1.64 13.52
C ILE B 327 15.10 0.37 12.82
N PHE B 328 15.85 -0.18 11.89
CA PHE B 328 15.48 -1.45 11.27
C PHE B 328 15.34 -2.58 12.31
N LYS B 329 16.28 -2.71 13.23
CA LYS B 329 16.21 -3.75 14.25
C LYS B 329 14.97 -3.57 15.11
N GLN B 330 14.69 -2.35 15.54
CA GLN B 330 13.56 -2.08 16.41
C GLN B 330 12.24 -2.37 15.71
N TYR B 331 12.18 -1.99 14.45
CA TYR B 331 10.95 -2.13 13.67
C TYR B 331 10.65 -3.60 13.50
N ASN B 332 11.67 -4.38 13.15
CA ASN B 332 11.48 -5.80 12.95
C ASN B 332 11.13 -6.52 14.26
N ALA B 333 11.71 -6.09 15.36
CA ALA B 333 11.34 -6.61 16.67
C ALA B 333 9.88 -6.30 16.99
N ASP B 334 9.46 -5.10 16.68
CA ASP B 334 8.06 -4.68 16.94
C ASP B 334 7.06 -5.47 16.08
N MET B 335 7.47 -5.85 14.88
CA MET B 335 6.59 -6.66 14.02
C MET B 335 6.36 -8.03 14.66
N ARG B 336 7.43 -8.61 15.20
CA ARG B 336 7.30 -9.88 15.89
C ARG B 336 6.32 -9.79 17.08
N LYS B 337 6.43 -8.71 17.84
CA LYS B 337 5.54 -8.49 18.98
C LYS B 337 4.11 -8.17 18.56
N ALA B 338 3.94 -7.50 17.44
CA ALA B 338 2.58 -7.16 16.96
C ALA B 338 1.82 -8.40 16.52
N GLY B 339 2.51 -9.34 15.90
CA GLY B 339 1.92 -10.57 15.40
C GLY B 339 1.19 -10.44 14.06
N ARG B 340 0.07 -11.12 13.91
CA ARG B 340 -0.58 -11.20 12.61
C ARG B 340 -1.25 -9.86 12.22
N PRO B 341 -1.20 -9.49 10.93
CA PRO B 341 -0.68 -10.25 9.80
C PRO B 341 0.75 -9.87 9.43
N TYR B 342 1.43 -9.17 10.34
CA TYR B 342 2.82 -8.76 10.13
C TYR B 342 3.78 -9.95 10.23
N ARG B 343 3.56 -10.82 11.24
CA ARG B 343 4.39 -11.99 11.48
C ARG B 343 3.53 -13.15 11.96
N TYR B 344 3.91 -14.36 11.57
CA TYR B 344 3.21 -15.60 11.94
C TYR B 344 4.16 -16.60 12.61
N VAL B 345 3.60 -17.51 13.41
CA VAL B 345 4.42 -18.52 14.09
C VAL B 345 3.82 -19.92 13.94
#